data_6RHD
# 
_entry.id   6RHD 
# 
_audit_conform.dict_name       mmcif_pdbx.dic 
_audit_conform.dict_version    5.392 
_audit_conform.dict_location   http://mmcif.pdb.org/dictionaries/ascii/mmcif_pdbx.dic 
# 
loop_
_database_2.database_id 
_database_2.database_code 
_database_2.pdbx_database_accession 
_database_2.pdbx_DOI 
PDB   6RHD         pdb_00006rhd 10.2210/pdb6rhd/pdb 
WWPDB D_1292101961 ?            ?                   
# 
loop_
_pdbx_audit_revision_history.ordinal 
_pdbx_audit_revision_history.data_content_type 
_pdbx_audit_revision_history.major_revision 
_pdbx_audit_revision_history.minor_revision 
_pdbx_audit_revision_history.revision_date 
1 'Structure model' 1 0 2020-03-25 
2 'Structure model' 1 1 2024-05-15 
# 
_pdbx_audit_revision_details.ordinal             1 
_pdbx_audit_revision_details.revision_ordinal    1 
_pdbx_audit_revision_details.data_content_type   'Structure model' 
_pdbx_audit_revision_details.provider            repository 
_pdbx_audit_revision_details.type                'Initial release' 
_pdbx_audit_revision_details.description         ? 
_pdbx_audit_revision_details.details             ? 
# 
loop_
_pdbx_audit_revision_group.ordinal 
_pdbx_audit_revision_group.revision_ordinal 
_pdbx_audit_revision_group.data_content_type 
_pdbx_audit_revision_group.group 
1 2 'Structure model' 'Data collection'     
2 2 'Structure model' 'Database references' 
# 
loop_
_pdbx_audit_revision_category.ordinal 
_pdbx_audit_revision_category.revision_ordinal 
_pdbx_audit_revision_category.data_content_type 
_pdbx_audit_revision_category.category 
1 2 'Structure model' chem_comp_atom 
2 2 'Structure model' chem_comp_bond 
3 2 'Structure model' database_2     
# 
loop_
_pdbx_audit_revision_item.ordinal 
_pdbx_audit_revision_item.revision_ordinal 
_pdbx_audit_revision_item.data_content_type 
_pdbx_audit_revision_item.item 
1 2 'Structure model' '_database_2.pdbx_DOI'                
2 2 'Structure model' '_database_2.pdbx_database_accession' 
# 
_pdbx_database_status.status_code                     REL 
_pdbx_database_status.status_code_sf                  REL 
_pdbx_database_status.status_code_mr                  ? 
_pdbx_database_status.entry_id                        6RHD 
_pdbx_database_status.recvd_initial_deposition_date   2019-04-19 
_pdbx_database_status.SG_entry                        N 
_pdbx_database_status.deposit_site                    PDBE 
_pdbx_database_status.process_site                    PDBE 
_pdbx_database_status.status_code_cs                  ? 
_pdbx_database_status.methods_development_category    ? 
_pdbx_database_status.pdb_format_compatible           Y 
_pdbx_database_status.status_code_nmr_data            ? 
# 
loop_
_pdbx_database_related.db_name 
_pdbx_database_related.details 
_pdbx_database_related.db_id 
_pdbx_database_related.content_type 
PDB . 6RHA unspecified 
PDB . 6RHB unspecified 
# 
loop_
_audit_author.name 
_audit_author.pdbx_ordinal 
_audit_author.identifier_ORCID 
'Landau, M.' 1 0000-0002-1743-3430 
'Perov, S.'  2 ?                   
# 
_citation.abstract                  ? 
_citation.abstract_id_CAS           ? 
_citation.book_id_ISBN              ? 
_citation.book_publisher            ? 
_citation.book_publisher_city       ? 
_citation.book_title                ? 
_citation.coordinate_linkage        ? 
_citation.country                   ? 
_citation.database_id_Medline       ? 
_citation.details                   ? 
_citation.id                        primary 
_citation.journal_abbrev            'To be published' 
_citation.journal_id_ASTM           ? 
_citation.journal_id_CSD            0353 
_citation.journal_id_ISSN           ? 
_citation.journal_full              ? 
_citation.journal_issue             ? 
_citation.journal_volume            ? 
_citation.language                  ? 
_citation.page_first                ? 
_citation.page_last                 ? 
_citation.title                     
'Amyloid structures from a Candida albicans adhesin Structure and conservation of amyloid spines from fungal adhesins' 
_citation.year                      ? 
_citation.database_id_CSD           ? 
_citation.pdbx_database_id_DOI      ? 
_citation.pdbx_database_id_PubMed   ? 
_citation.unpublished_flag          ? 
# 
loop_
_citation_author.citation_id 
_citation_author.name 
_citation_author.ordinal 
_citation_author.identifier_ORCID 
primary 'Perov, S.'   1 ? 
primary 'Landau, M.'  2 ? 
primary 'Lipke, P.N.' 3 ? 
# 
loop_
_entity.id 
_entity.type 
_entity.src_method 
_entity.pdbx_description 
_entity.formula_weight 
_entity.pdbx_number_of_molecules 
_entity.pdbx_ec 
_entity.pdbx_mutation 
_entity.pdbx_fragment 
_entity.details 
1 polymer syn 'Agglutinin-like protein 5' 624.684 1 ? ? 
'Amyloid spine segment TSYVGV from Als5 (residues 369-373) secreted by Candida albicans' ? 
2 water   nat water                       18.015  7 ? ? ? ? 
# 
_entity_name_com.entity_id   1 
_entity_name_com.name        'Adhesin 5' 
# 
_entity_poly.entity_id                      1 
_entity_poly.type                           'polypeptide(L)' 
_entity_poly.nstd_linkage                   no 
_entity_poly.nstd_monomer                   no 
_entity_poly.pdbx_seq_one_letter_code       TSYVGV 
_entity_poly.pdbx_seq_one_letter_code_can   TSYVGV 
_entity_poly.pdbx_strand_id                 B 
_entity_poly.pdbx_target_identifier         ? 
# 
_pdbx_entity_nonpoly.entity_id   2 
_pdbx_entity_nonpoly.name        water 
_pdbx_entity_nonpoly.comp_id     HOH 
# 
loop_
_entity_poly_seq.entity_id 
_entity_poly_seq.num 
_entity_poly_seq.mon_id 
_entity_poly_seq.hetero 
1 1 THR n 
1 2 SER n 
1 3 TYR n 
1 4 VAL n 
1 5 GLY n 
1 6 VAL n 
# 
_pdbx_entity_src_syn.entity_id              1 
_pdbx_entity_src_syn.pdbx_src_id            1 
_pdbx_entity_src_syn.pdbx_alt_source_flag   sample 
_pdbx_entity_src_syn.pdbx_beg_seq_num       1 
_pdbx_entity_src_syn.pdbx_end_seq_num       6 
_pdbx_entity_src_syn.organism_scientific    'Candida albicans' 
_pdbx_entity_src_syn.organism_common_name   Yeast 
_pdbx_entity_src_syn.ncbi_taxonomy_id       5476 
_pdbx_entity_src_syn.details                'TSYVGV from Als5, synthesized' 
# 
loop_
_chem_comp.id 
_chem_comp.type 
_chem_comp.mon_nstd_flag 
_chem_comp.name 
_chem_comp.pdbx_synonyms 
_chem_comp.formula 
_chem_comp.formula_weight 
GLY 'peptide linking'   y GLYCINE   ? 'C2 H5 N O2'  75.067  
HOH non-polymer         . WATER     ? 'H2 O'        18.015  
SER 'L-peptide linking' y SERINE    ? 'C3 H7 N O3'  105.093 
THR 'L-peptide linking' y THREONINE ? 'C4 H9 N O3'  119.119 
TYR 'L-peptide linking' y TYROSINE  ? 'C9 H11 N O3' 181.189 
VAL 'L-peptide linking' y VALINE    ? 'C5 H11 N O2' 117.146 
# 
loop_
_pdbx_poly_seq_scheme.asym_id 
_pdbx_poly_seq_scheme.entity_id 
_pdbx_poly_seq_scheme.seq_id 
_pdbx_poly_seq_scheme.mon_id 
_pdbx_poly_seq_scheme.ndb_seq_num 
_pdbx_poly_seq_scheme.pdb_seq_num 
_pdbx_poly_seq_scheme.auth_seq_num 
_pdbx_poly_seq_scheme.pdb_mon_id 
_pdbx_poly_seq_scheme.auth_mon_id 
_pdbx_poly_seq_scheme.pdb_strand_id 
_pdbx_poly_seq_scheme.pdb_ins_code 
_pdbx_poly_seq_scheme.hetero 
A 1 1 THR 1 1 1 THR THR B . n 
A 1 2 SER 2 2 2 SER SER B . n 
A 1 3 TYR 3 3 3 TYR TYR B . n 
A 1 4 VAL 4 4 4 VAL VAL B . n 
A 1 5 GLY 5 5 5 GLY GLY B . n 
A 1 6 VAL 6 6 6 VAL VAL B . n 
# 
loop_
_pdbx_nonpoly_scheme.asym_id 
_pdbx_nonpoly_scheme.entity_id 
_pdbx_nonpoly_scheme.mon_id 
_pdbx_nonpoly_scheme.ndb_seq_num 
_pdbx_nonpoly_scheme.pdb_seq_num 
_pdbx_nonpoly_scheme.auth_seq_num 
_pdbx_nonpoly_scheme.pdb_mon_id 
_pdbx_nonpoly_scheme.auth_mon_id 
_pdbx_nonpoly_scheme.pdb_strand_id 
_pdbx_nonpoly_scheme.pdb_ins_code 
B 2 HOH 1 101 2 HOH HOH B . 
B 2 HOH 2 102 3 HOH HOH B . 
B 2 HOH 3 103 4 HOH HOH B . 
B 2 HOH 4 104 1 HOH HOH B . 
B 2 HOH 5 105 6 HOH HOH B . 
B 2 HOH 6 106 5 HOH HOH B . 
B 2 HOH 7 107 7 HOH HOH B . 
# 
loop_
_software.citation_id 
_software.classification 
_software.compiler_name 
_software.compiler_version 
_software.contact_author 
_software.contact_author_email 
_software.date 
_software.description 
_software.dependencies 
_software.hardware 
_software.language 
_software.location 
_software.mods 
_software.name 
_software.os 
_software.os_version 
_software.type 
_software.version 
_software.pdbx_ordinal 
? 'data reduction'  ? ? 'Wolfgang Kabsch'    Wolfgang.Kabsch@mpimf-heidelberg.mpg.de ?              ? ? ? ?          
http://www.mpimf-heidelberg.mpg.de/~kabsch/xds/                             ? XDS         ? ? package .        1 
? 'data scaling'    ? ? 'Wolfgang Kabsch'    ?                                       ?              ? ? ? ?          
http://www.mpimf-heidelberg.mpg.de/~kabsch/xds/html_doc/xscale_program.html ? XSCALE      ? ? package .        2 
? phasing           ? ? 'Randy J. Read'      cimr-phaser@lists.cam.ac.uk             ?              ? ? ? ?          
http://www-structmed.cimr.cam.ac.uk/phaser/                                 ? PHASER      ? ? program .        3 
? refinement        ? ? 'Garib N. Murshudov' garib@ysbl.york.ac.uk                   ?              ? ? ? Fortran_77 
http://www.ccp4.ac.uk/dist/html/refmac5.html                                ? REFMAC      ? ? program 5.7.0029 4 
? 'data extraction' ? ? PDB                  deposit@deposit.rcsb.org                'Apr. 1, 2019' ? ? ? C++        
http://sw-tools.pdb.org/apps/PDB_EXTRACT/                                   ? PDB_EXTRACT ? ? package 3.25     5 
# 
_cell.angle_alpha                  90.000 
_cell.angle_alpha_esd              ? 
_cell.angle_beta                   95.080 
_cell.angle_beta_esd               ? 
_cell.angle_gamma                  90.000 
_cell.angle_gamma_esd              ? 
_cell.entry_id                     6RHD 
_cell.details                      ? 
_cell.formula_units_Z              ? 
_cell.length_a                     11.770 
_cell.length_a_esd                 ? 
_cell.length_b                     9.360 
_cell.length_b_esd                 ? 
_cell.length_c                     16.790 
_cell.length_c_esd                 ? 
_cell.volume                       ? 
_cell.volume_esd                   ? 
_cell.Z_PDB                        2 
_cell.reciprocal_angle_alpha       ? 
_cell.reciprocal_angle_beta        ? 
_cell.reciprocal_angle_gamma       ? 
_cell.reciprocal_angle_alpha_esd   ? 
_cell.reciprocal_angle_beta_esd    ? 
_cell.reciprocal_angle_gamma_esd   ? 
_cell.reciprocal_length_a          ? 
_cell.reciprocal_length_b          ? 
_cell.reciprocal_length_c          ? 
_cell.reciprocal_length_a_esd      ? 
_cell.reciprocal_length_b_esd      ? 
_cell.reciprocal_length_c_esd      ? 
_cell.pdbx_unique_axis             ? 
# 
_symmetry.entry_id                         6RHD 
_symmetry.cell_setting                     ? 
_symmetry.Int_Tables_number                4 
_symmetry.space_group_name_Hall            ? 
_symmetry.space_group_name_H-M             'P 1 21 1' 
_symmetry.pdbx_full_space_group_name_H-M   ? 
# 
_exptl.absorpt_coefficient_mu     ? 
_exptl.absorpt_correction_T_max   ? 
_exptl.absorpt_correction_T_min   ? 
_exptl.absorpt_correction_type    ? 
_exptl.absorpt_process_details    ? 
_exptl.entry_id                   6RHD 
_exptl.crystals_number            2 
_exptl.details                    ? 
_exptl.method                     'X-RAY DIFFRACTION' 
_exptl.method_details             ? 
# 
_exptl_crystal.colour                      ? 
_exptl_crystal.density_diffrn              ? 
_exptl_crystal.density_Matthews            1.47 
_exptl_crystal.density_method              ? 
_exptl_crystal.density_percent_sol         16.59 
_exptl_crystal.description                 ? 
_exptl_crystal.F_000                       ? 
_exptl_crystal.id                          1 
_exptl_crystal.preparation                 ? 
_exptl_crystal.size_max                    ? 
_exptl_crystal.size_mid                    ? 
_exptl_crystal.size_min                    ? 
_exptl_crystal.size_rad                    ? 
_exptl_crystal.colour_lustre               ? 
_exptl_crystal.colour_modifier             ? 
_exptl_crystal.colour_primary              ? 
_exptl_crystal.density_meas                ? 
_exptl_crystal.density_meas_esd            ? 
_exptl_crystal.density_meas_gt             ? 
_exptl_crystal.density_meas_lt             ? 
_exptl_crystal.density_meas_temp           ? 
_exptl_crystal.density_meas_temp_esd       ? 
_exptl_crystal.density_meas_temp_gt        ? 
_exptl_crystal.density_meas_temp_lt        ? 
_exptl_crystal.pdbx_crystal_image_url      ? 
_exptl_crystal.pdbx_crystal_image_format   ? 
_exptl_crystal.pdbx_mosaicity              ? 
_exptl_crystal.pdbx_mosaicity_esd          ? 
# 
_exptl_crystal_grow.apparatus       ? 
_exptl_crystal_grow.atmosphere      ? 
_exptl_crystal_grow.crystal_id      1 
_exptl_crystal_grow.details         ? 
_exptl_crystal_grow.method          'VAPOR DIFFUSION, HANGING DROP' 
_exptl_crystal_grow.method_ref      ? 
_exptl_crystal_grow.pH              ? 
_exptl_crystal_grow.pressure        ? 
_exptl_crystal_grow.pressure_esd    ? 
_exptl_crystal_grow.seeding         ? 
_exptl_crystal_grow.seeding_ref     ? 
_exptl_crystal_grow.temp            293 
_exptl_crystal_grow.temp_details    ? 
_exptl_crystal_grow.temp_esd        ? 
_exptl_crystal_grow.time            ? 
_exptl_crystal_grow.pdbx_details    'Reservoir contained 0.1 M Na Acet 4.6 pH, 30 %v/v MPD, 0.2 M NaCl' 
_exptl_crystal_grow.pdbx_pH_range   ? 
# 
_diffrn.ambient_environment              ? 
_diffrn.ambient_temp                     100 
_diffrn.ambient_temp_details             ? 
_diffrn.ambient_temp_esd                 ? 
_diffrn.crystal_id                       1 
_diffrn.crystal_support                  ? 
_diffrn.crystal_treatment                ? 
_diffrn.details                          ? 
_diffrn.id                               1 
_diffrn.ambient_pressure                 ? 
_diffrn.ambient_pressure_esd             ? 
_diffrn.ambient_pressure_gt              ? 
_diffrn.ambient_pressure_lt              ? 
_diffrn.ambient_temp_gt                  ? 
_diffrn.ambient_temp_lt                  ? 
_diffrn.pdbx_serial_crystal_experiment   N 
# 
_diffrn_detector.details                      ? 
_diffrn_detector.detector                     PIXEL 
_diffrn_detector.diffrn_id                    1 
_diffrn_detector.type                         'DECTRIS PILATUS3 2M' 
_diffrn_detector.area_resol_mean              ? 
_diffrn_detector.dtime                        ? 
_diffrn_detector.pdbx_frames_total            ? 
_diffrn_detector.pdbx_collection_time_total   ? 
_diffrn_detector.pdbx_collection_date         2015-12-11 
_diffrn_detector.pdbx_frequency               ? 
# 
_diffrn_radiation.collimation                      ? 
_diffrn_radiation.diffrn_id                        1 
_diffrn_radiation.filter_edge                      ? 
_diffrn_radiation.inhomogeneity                    ? 
_diffrn_radiation.monochromator                    ? 
_diffrn_radiation.polarisn_norm                    ? 
_diffrn_radiation.polarisn_ratio                   ? 
_diffrn_radiation.probe                            ? 
_diffrn_radiation.type                             ? 
_diffrn_radiation.xray_symbol                      ? 
_diffrn_radiation.wavelength_id                    1 
_diffrn_radiation.pdbx_monochromatic_or_laue_m_l   M 
_diffrn_radiation.pdbx_wavelength_list             ? 
_diffrn_radiation.pdbx_wavelength                  ? 
_diffrn_radiation.pdbx_diffrn_protocol             'SINGLE WAVELENGTH' 
_diffrn_radiation.pdbx_analyzer                    ? 
_diffrn_radiation.pdbx_scattering_type             x-ray 
# 
_diffrn_radiation_wavelength.id           1 
_diffrn_radiation_wavelength.wavelength   0.8729 
_diffrn_radiation_wavelength.wt           1.0 
# 
_diffrn_source.current                     ? 
_diffrn_source.details                     ? 
_diffrn_source.diffrn_id                   1 
_diffrn_source.power                       ? 
_diffrn_source.size                        ? 
_diffrn_source.source                      SYNCHROTRON 
_diffrn_source.target                      ? 
_diffrn_source.type                        'ESRF BEAMLINE ID23-2' 
_diffrn_source.voltage                     ? 
_diffrn_source.take-off_angle              ? 
_diffrn_source.pdbx_wavelength_list        0.8729 
_diffrn_source.pdbx_wavelength             ? 
_diffrn_source.pdbx_synchrotron_beamline   ID23-2 
_diffrn_source.pdbx_synchrotron_site       ESRF 
# 
_reflns.B_iso_Wilson_estimate            12.481 
_reflns.entry_id                         6RHD 
_reflns.data_reduction_details           ? 
_reflns.data_reduction_method            ? 
_reflns.d_resolution_high                1.200 
_reflns.d_resolution_low                 16.720 
_reflns.details                          ? 
_reflns.limit_h_max                      ? 
_reflns.limit_h_min                      ? 
_reflns.limit_k_max                      ? 
_reflns.limit_k_min                      ? 
_reflns.limit_l_max                      ? 
_reflns.limit_l_min                      ? 
_reflns.number_all                       ? 
_reflns.number_obs                       1178 
_reflns.observed_criterion               ? 
_reflns.observed_criterion_F_max         ? 
_reflns.observed_criterion_F_min         ? 
_reflns.observed_criterion_I_max         ? 
_reflns.observed_criterion_I_min         ? 
_reflns.observed_criterion_sigma_F       ? 
_reflns.observed_criterion_sigma_I       ? 
_reflns.percent_possible_obs             96.200 
_reflns.R_free_details                   ? 
_reflns.Rmerge_F_all                     ? 
_reflns.Rmerge_F_obs                     ? 
_reflns.Friedel_coverage                 ? 
_reflns.number_gt                        ? 
_reflns.threshold_expression             ? 
_reflns.pdbx_redundancy                  27.090 
_reflns.pdbx_Rmerge_I_obs                0.200 
_reflns.pdbx_Rmerge_I_all                ? 
_reflns.pdbx_Rsym_value                  ? 
_reflns.pdbx_netI_over_av_sigmaI         ? 
_reflns.pdbx_netI_over_sigmaI            13.660 
_reflns.pdbx_res_netI_over_av_sigmaI_2   ? 
_reflns.pdbx_res_netI_over_sigmaI_2      ? 
_reflns.pdbx_chi_squared                 0.943 
_reflns.pdbx_scaling_rejects             ? 
_reflns.pdbx_d_res_high_opt              ? 
_reflns.pdbx_d_res_low_opt               ? 
_reflns.pdbx_d_res_opt_method            ? 
_reflns.phase_calculation_details        ? 
_reflns.pdbx_Rrim_I_all                  0.204 
_reflns.pdbx_Rpim_I_all                  ? 
_reflns.pdbx_d_opt                       ? 
_reflns.pdbx_number_measured_all         31912 
_reflns.pdbx_diffrn_id                   1 
_reflns.pdbx_ordinal                     1 
_reflns.pdbx_CC_half                     0.999 
_reflns.pdbx_R_split                     ? 
_reflns.pdbx_CC_star                     ? 
# 
loop_
_reflns_shell.d_res_high 
_reflns_shell.d_res_low 
_reflns_shell.meanI_over_sigI_all 
_reflns_shell.meanI_over_sigI_obs 
_reflns_shell.number_measured_all 
_reflns_shell.number_measured_obs 
_reflns_shell.number_possible 
_reflns_shell.number_unique_all 
_reflns_shell.number_unique_obs 
_reflns_shell.percent_possible_all 
_reflns_shell.percent_possible_obs 
_reflns_shell.Rmerge_F_all 
_reflns_shell.Rmerge_F_obs 
_reflns_shell.Rmerge_I_all 
_reflns_shell.Rmerge_I_obs 
_reflns_shell.meanI_over_sigI_gt 
_reflns_shell.meanI_over_uI_all 
_reflns_shell.meanI_over_uI_gt 
_reflns_shell.number_measured_gt 
_reflns_shell.number_unique_gt 
_reflns_shell.percent_possible_gt 
_reflns_shell.Rmerge_F_gt 
_reflns_shell.Rmerge_I_gt 
_reflns_shell.pdbx_redundancy 
_reflns_shell.pdbx_Rsym_value 
_reflns_shell.pdbx_chi_squared 
_reflns_shell.pdbx_netI_over_sigmaI_all 
_reflns_shell.pdbx_netI_over_sigmaI_obs 
_reflns_shell.pdbx_Rrim_I_all 
_reflns_shell.pdbx_Rpim_I_all 
_reflns_shell.pdbx_rejects 
_reflns_shell.pdbx_ordinal 
_reflns_shell.pdbx_diffrn_id 
_reflns_shell.pdbx_CC_half 
_reflns_shell.pdbx_R_split 
_reflns_shell.pdbx_CC_star 
1.200 1.250  ? 2.490  ? 1290 142 ? 139 97.900  ? ? ? ? 0.855 ? ? ? ? ? ? ? ? 9.281  ? ? ? ? 0.900 ? ? 1  1 0.842 ? ? 
1.250 1.310  ? 3.130  ? 1601 152 ? 133 87.500  ? ? ? ? 0.827 ? ? ? ? ? ? ? ? 12.038 ? ? ? ? 0.864 ? ? 2  1 0.900 ? ? 
1.310 1.390  ? 3.610  ? 1728 129 ? 124 96.100  ? ? ? ? 0.782 ? ? ? ? ? ? ? ? 13.935 ? ? ? ? 0.812 ? ? 3  1 0.927 ? ? 
1.390 1.470  ? 6.200  ? 3233 121 ? 122 100.000 ? ? ? ? 0.621 ? ? ? ? ? ? ? ? 26.500 ? ? ? ? 0.633 ? ? 4  1 0.982 ? ? 
1.470 1.570  ? 7.200  ? 3902 122 ? 109 89.300  ? ? ? ? 0.634 ? ? ? ? ? ? ? ? 35.798 ? ? ? ? 0.643 ? ? 5  1 0.972 ? ? 
1.570 1.700  ? 11.180 ? 4341 114 ? 114 100.000 ? ? ? ? 0.437 ? ? ? ? ? ? ? ? 38.079 ? ? ? ? 0.443 ? ? 6  1 0.988 ? ? 
1.700 1.860  ? 14.990 ? 3568 103 ? 98  95.100  ? ? ? ? 0.304 ? ? ? ? ? ? ? ? 36.408 ? ? ? ? 0.308 ? ? 7  1 0.993 ? ? 
1.860 2.080  ? 22.830 ? 3432 91  ? 91  100.000 ? ? ? ? 0.200 ? ? ? ? ? ? ? ? 37.714 ? ? ? ? 0.203 ? ? 8  1 0.997 ? ? 
2.080 2.400  ? 27.170 ? 3016 89  ? 87  97.800  ? ? ? ? 0.171 ? ? ? ? ? ? ? ? 34.667 ? ? ? ? 0.174 ? ? 9  1 0.997 ? ? 
2.400 2.940  ? 33.720 ? 2620 69  ? 70  100.000 ? ? ? ? 0.136 ? ? ? ? ? ? ? ? 37.429 ? ? ? ? 0.138 ? ? 10 1 0.999 ? ? 
2.940 4.160  ? 40.630 ? 2001 57  ? 56  98.200  ? ? ? ? 0.118 ? ? ? ? ? ? ? ? 35.732 ? ? ? ? 0.119 ? ? 11 1 0.999 ? ? 
4.160 16.720 ? 43.550 ? 1180 36  ? 35  97.200  ? ? ? ? 0.104 ? ? ? ? ? ? ? ? 33.714 ? ? ? ? 0.106 ? ? 12 1 0.999 ? ? 
# 
_refine.aniso_B[1][1]                            -0.1300 
_refine.aniso_B[1][2]                            -0.0000 
_refine.aniso_B[1][3]                            0.2300 
_refine.aniso_B[2][2]                            0.5400 
_refine.aniso_B[2][3]                            0.0000 
_refine.aniso_B[3][3]                            -0.4300 
_refine.B_iso_max                                40.050 
_refine.B_iso_mean                               8.3670 
_refine.B_iso_min                                5.450 
_refine.correlation_coeff_Fo_to_Fc               0.9900 
_refine.correlation_coeff_Fo_to_Fc_free          0.9870 
_refine.details                                  
'HYDROGENS HAVE BEEN ADDED IN THE RIDING POSITIONS U VALUES      : REFINED INDIVIDUALLY' 
_refine.diff_density_max                         ? 
_refine.diff_density_max_esd                     ? 
_refine.diff_density_min                         ? 
_refine.diff_density_min_esd                     ? 
_refine.diff_density_rms                         ? 
_refine.diff_density_rms_esd                     ? 
_refine.entry_id                                 6RHD 
_refine.pdbx_refine_id                           'X-RAY DIFFRACTION' 
_refine.ls_abs_structure_details                 ? 
_refine.ls_abs_structure_Flack                   ? 
_refine.ls_abs_structure_Flack_esd               ? 
_refine.ls_abs_structure_Rogers                  ? 
_refine.ls_abs_structure_Rogers_esd              ? 
_refine.ls_d_res_high                            1.2000 
_refine.ls_d_res_low                             16.7200 
_refine.ls_extinction_coef                       ? 
_refine.ls_extinction_coef_esd                   ? 
_refine.ls_extinction_expression                 ? 
_refine.ls_extinction_method                     ? 
_refine.ls_goodness_of_fit_all                   ? 
_refine.ls_goodness_of_fit_all_esd               ? 
_refine.ls_goodness_of_fit_obs                   ? 
_refine.ls_goodness_of_fit_obs_esd               ? 
_refine.ls_hydrogen_treatment                    ? 
_refine.ls_matrix_type                           ? 
_refine.ls_number_constraints                    ? 
_refine.ls_number_parameters                     ? 
_refine.ls_number_reflns_all                     ? 
_refine.ls_number_reflns_obs                     1059 
_refine.ls_number_reflns_R_free                  118 
_refine.ls_number_reflns_R_work                  ? 
_refine.ls_number_restraints                     ? 
_refine.ls_percent_reflns_obs                    96.1600 
_refine.ls_percent_reflns_R_free                 10.0000 
_refine.ls_R_factor_all                          ? 
_refine.ls_R_factor_obs                          0.1082 
_refine.ls_R_factor_R_free                       0.1265 
_refine.ls_R_factor_R_free_error                 ? 
_refine.ls_R_factor_R_free_error_details         ? 
_refine.ls_R_factor_R_work                       0.1059 
_refine.ls_R_Fsqd_factor_obs                     ? 
_refine.ls_R_I_factor_obs                        ? 
_refine.ls_redundancy_reflns_all                 ? 
_refine.ls_redundancy_reflns_obs                 ? 
_refine.ls_restrained_S_all                      ? 
_refine.ls_restrained_S_obs                      ? 
_refine.ls_shift_over_esd_max                    ? 
_refine.ls_shift_over_esd_mean                   ? 
_refine.ls_structure_factor_coef                 ? 
_refine.ls_weighting_details                     ? 
_refine.ls_weighting_scheme                      ? 
_refine.ls_wR_factor_all                         ? 
_refine.ls_wR_factor_obs                         ? 
_refine.ls_wR_factor_R_free                      ? 
_refine.ls_wR_factor_R_work                      ? 
_refine.occupancy_max                            ? 
_refine.occupancy_min                            ? 
_refine.solvent_model_details                    ? 
_refine.solvent_model_param_bsol                 ? 
_refine.solvent_model_param_ksol                 ? 
_refine.ls_R_factor_gt                           ? 
_refine.ls_goodness_of_fit_gt                    ? 
_refine.ls_goodness_of_fit_ref                   ? 
_refine.ls_shift_over_su_max                     ? 
_refine.ls_shift_over_su_max_lt                  ? 
_refine.ls_shift_over_su_mean                    ? 
_refine.ls_shift_over_su_mean_lt                 ? 
_refine.pdbx_ls_sigma_I                          ? 
_refine.pdbx_ls_sigma_F                          0.000 
_refine.pdbx_ls_sigma_Fsqd                       ? 
_refine.pdbx_data_cutoff_high_absF               ? 
_refine.pdbx_data_cutoff_high_rms_absF           ? 
_refine.pdbx_data_cutoff_low_absF                ? 
_refine.pdbx_isotropic_thermal_model             ? 
_refine.pdbx_ls_cross_valid_method               THROUGHOUT 
_refine.pdbx_method_to_determine_struct          'MOLECULAR REPLACEMENT' 
_refine.pdbx_starting_model                      ? 
_refine.pdbx_stereochemistry_target_values       ? 
_refine.pdbx_R_Free_selection_details            RANDOM 
_refine.pdbx_stereochem_target_val_spec_case     ? 
_refine.pdbx_overall_ESU_R                       0.0390 
_refine.pdbx_overall_ESU_R_Free                  0.0350 
_refine.pdbx_solvent_vdw_probe_radii             1.2000 
_refine.pdbx_solvent_ion_probe_radii             0.8000 
_refine.pdbx_solvent_shrinkage_radii             0.8000 
_refine.pdbx_real_space_R                        ? 
_refine.pdbx_density_correlation                 ? 
_refine.pdbx_pd_number_of_powder_patterns        ? 
_refine.pdbx_pd_number_of_points                 ? 
_refine.pdbx_pd_meas_number_of_points            ? 
_refine.pdbx_pd_proc_ls_prof_R_factor            ? 
_refine.pdbx_pd_proc_ls_prof_wR_factor           ? 
_refine.pdbx_pd_Marquardt_correlation_coeff      ? 
_refine.pdbx_pd_Fsqrd_R_factor                   ? 
_refine.pdbx_pd_ls_matrix_band_width             ? 
_refine.pdbx_overall_phase_error                 ? 
_refine.pdbx_overall_SU_R_free_Cruickshank_DPI   ? 
_refine.pdbx_overall_SU_R_free_Blow_DPI          ? 
_refine.pdbx_overall_SU_R_Blow_DPI               ? 
_refine.pdbx_TLS_residual_ADP_flag               ? 
_refine.pdbx_diffrn_id                           1 
_refine.overall_SU_B                             1.4240 
_refine.overall_SU_ML                            0.0250 
_refine.overall_SU_R_Cruickshank_DPI             0.0389 
_refine.overall_SU_R_free                        ? 
_refine.overall_FOM_free_R_set                   ? 
_refine.overall_FOM_work_R_set                   ? 
_refine.pdbx_average_fsc_overall                 ? 
_refine.pdbx_average_fsc_work                    ? 
_refine.pdbx_average_fsc_free                    ? 
# 
_refine_hist.pdbx_refine_id                   'X-RAY DIFFRACTION' 
_refine_hist.cycle_id                         final 
_refine_hist.details                          ? 
_refine_hist.d_res_high                       1.2000 
_refine_hist.d_res_low                        16.7200 
_refine_hist.number_atoms_solvent             7 
_refine_hist.number_atoms_total               51 
_refine_hist.number_reflns_all                ? 
_refine_hist.number_reflns_obs                ? 
_refine_hist.number_reflns_R_free             ? 
_refine_hist.number_reflns_R_work             ? 
_refine_hist.R_factor_all                     ? 
_refine_hist.R_factor_obs                     ? 
_refine_hist.R_factor_R_free                  ? 
_refine_hist.R_factor_R_work                  ? 
_refine_hist.pdbx_number_residues_total       6 
_refine_hist.pdbx_B_iso_mean_ligand           ? 
_refine_hist.pdbx_B_iso_mean_solvent          24.10 
_refine_hist.pdbx_number_atoms_protein        44 
_refine_hist.pdbx_number_atoms_nucleic_acid   0 
_refine_hist.pdbx_number_atoms_ligand         0 
_refine_hist.pdbx_number_atoms_lipid          ? 
_refine_hist.pdbx_number_atoms_carb           ? 
_refine_hist.pdbx_pseudo_atom_details         ? 
# 
loop_
_refine_ls_restr.pdbx_refine_id 
_refine_ls_restr.criterion 
_refine_ls_restr.dev_ideal 
_refine_ls_restr.dev_ideal_target 
_refine_ls_restr.number 
_refine_ls_restr.rejects 
_refine_ls_restr.type 
_refine_ls_restr.weight 
_refine_ls_restr.pdbx_restraint_function 
'X-RAY DIFFRACTION' ? 0.011  0.020  44 ? r_bond_refined_d       ? ? 
'X-RAY DIFFRACTION' ? 0.010  0.020  41 ? r_bond_other_d         ? ? 
'X-RAY DIFFRACTION' ? 1.545  1.993  60 ? r_angle_refined_deg    ? ? 
'X-RAY DIFFRACTION' ? 0.644  3.000  93 ? r_angle_other_deg      ? ? 
'X-RAY DIFFRACTION' ? 1.524  5.000  5  ? r_dihedral_angle_1_deg ? ? 
'X-RAY DIFFRACTION' ? 10.747 20.000 1  ? r_dihedral_angle_2_deg ? ? 
'X-RAY DIFFRACTION' ? 6.679  15.000 5  ? r_dihedral_angle_3_deg ? ? 
'X-RAY DIFFRACTION' ? 0.098  0.200  8  ? r_chiral_restr         ? ? 
'X-RAY DIFFRACTION' ? 0.008  0.020  47 ? r_gen_planes_refined   ? ? 
'X-RAY DIFFRACTION' ? 0.002  0.020  9  ? r_gen_planes_other     ? ? 
'X-RAY DIFFRACTION' ? 2.056  3.000  85 ? r_rigid_bond_restr     ? ? 
'X-RAY DIFFRACTION' ? 5.851  5.000  1  ? r_sphericity_free      ? ? 
'X-RAY DIFFRACTION' ? 7.866  5.000  91 ? r_sphericity_bonded    ? ? 
# 
_refine_ls_shell.pdbx_refine_id                   'X-RAY DIFFRACTION' 
_refine_ls_shell.d_res_high                       1.2000 
_refine_ls_shell.d_res_low                        1.2310 
_refine_ls_shell.number_reflns_all                83 
_refine_ls_shell.number_reflns_obs                ? 
_refine_ls_shell.number_reflns_R_free             8 
_refine_ls_shell.number_reflns_R_work             75 
_refine_ls_shell.percent_reflns_obs               98.8100 
_refine_ls_shell.percent_reflns_R_free            ? 
_refine_ls_shell.R_factor_all                     ? 
_refine_ls_shell.R_factor_obs                     ? 
_refine_ls_shell.R_factor_R_free                  0.2230 
_refine_ls_shell.R_factor_R_free_error            0.0000 
_refine_ls_shell.R_factor_R_work                  0.2170 
_refine_ls_shell.redundancy_reflns_all            ? 
_refine_ls_shell.redundancy_reflns_obs            ? 
_refine_ls_shell.wR_factor_all                    ? 
_refine_ls_shell.wR_factor_obs                    ? 
_refine_ls_shell.wR_factor_R_free                 ? 
_refine_ls_shell.wR_factor_R_work                 ? 
_refine_ls_shell.pdbx_total_number_of_bins_used   20 
_refine_ls_shell.pdbx_phase_error                 ? 
_refine_ls_shell.pdbx_fsc_work                    ? 
_refine_ls_shell.pdbx_fsc_free                    ? 
# 
_struct.entry_id                     6RHD 
_struct.title                        
'Crystal structure of the amyloid-like TSYVGV segment from the Candida albicans Agglutinin-like protein (Adhesin) 5' 
_struct.pdbx_model_details           Adhesin 
_struct.pdbx_formula_weight          ? 
_struct.pdbx_formula_weight_method   ? 
_struct.pdbx_model_type_details      ? 
_struct.pdbx_CASP_flag               N 
# 
_struct_keywords.entry_id        6RHD 
_struct_keywords.text            'Amyloid fibril from Candida albicans, PROTEIN FIBRIL' 
_struct_keywords.pdbx_keywords   'PROTEIN FIBRIL' 
# 
loop_
_struct_asym.id 
_struct_asym.pdbx_blank_PDB_chainid_flag 
_struct_asym.pdbx_modified 
_struct_asym.entity_id 
_struct_asym.details 
A N N 1 ? 
B N N 2 ? 
# 
_struct_ref.id                         1 
_struct_ref.db_name                    UNP 
_struct_ref.db_code                    ALS5_CANAX 
_struct_ref.pdbx_db_accession          O13368 
_struct_ref.pdbx_db_isoform            ? 
_struct_ref.entity_id                  1 
_struct_ref.pdbx_seq_one_letter_code   TSYVGV 
_struct_ref.pdbx_align_begin           369 
# 
_struct_ref_seq.align_id                      1 
_struct_ref_seq.ref_id                        1 
_struct_ref_seq.pdbx_PDB_id_code              6RHD 
_struct_ref_seq.pdbx_strand_id                B 
_struct_ref_seq.seq_align_beg                 1 
_struct_ref_seq.pdbx_seq_align_beg_ins_code   ? 
_struct_ref_seq.seq_align_end                 6 
_struct_ref_seq.pdbx_seq_align_end_ins_code   ? 
_struct_ref_seq.pdbx_db_accession             O13368 
_struct_ref_seq.db_align_beg                  369 
_struct_ref_seq.pdbx_db_align_beg_ins_code    ? 
_struct_ref_seq.db_align_end                  374 
_struct_ref_seq.pdbx_db_align_end_ins_code    ? 
_struct_ref_seq.pdbx_auth_seq_align_beg       1 
_struct_ref_seq.pdbx_auth_seq_align_end       6 
# 
_pdbx_struct_assembly.id                   1 
_pdbx_struct_assembly.details              author_defined_assembly 
_pdbx_struct_assembly.method_details       ? 
_pdbx_struct_assembly.oligomeric_details   36-meric 
_pdbx_struct_assembly.oligomeric_count     36 
# 
_pdbx_struct_assembly_gen.assembly_id       1 
_pdbx_struct_assembly_gen.oper_expression   
1,2,3,4,5,6,7,8,9,10,11,12,13,14,15,16,17,18,19,20,21,22,23,24,25,26,27,28,29,30,31,32,33,34,35,36 
_pdbx_struct_assembly_gen.asym_id_list      A,B 
# 
_pdbx_struct_assembly_auth_evidence.id                     1 
_pdbx_struct_assembly_auth_evidence.assembly_id            1 
_pdbx_struct_assembly_auth_evidence.experimental_support   'scanning transmission electron microscopy' 
_pdbx_struct_assembly_auth_evidence.details                ? 
# 
loop_
_pdbx_struct_oper_list.id 
_pdbx_struct_oper_list.type 
_pdbx_struct_oper_list.name 
_pdbx_struct_oper_list.symmetry_operation 
_pdbx_struct_oper_list.matrix[1][1] 
_pdbx_struct_oper_list.matrix[1][2] 
_pdbx_struct_oper_list.matrix[1][3] 
_pdbx_struct_oper_list.vector[1] 
_pdbx_struct_oper_list.matrix[2][1] 
_pdbx_struct_oper_list.matrix[2][2] 
_pdbx_struct_oper_list.matrix[2][3] 
_pdbx_struct_oper_list.vector[2] 
_pdbx_struct_oper_list.matrix[3][1] 
_pdbx_struct_oper_list.matrix[3][2] 
_pdbx_struct_oper_list.matrix[3][3] 
_pdbx_struct_oper_list.vector[3] 
1  'identity operation'         1_555 x,y,z         1.0000000000  0.0000000000 0.0000000000 0.0000000000   0.0000000000 1.0000000000  0.0000000000 0.0000000000   0.0000000000 0.0000000000 1.0000000000  0.0000000000   
2  'crystal symmetry operation' 1_515 x,y-4,z       1.0000000000  0.0000000000 0.0000000000 11.0263521256  0.0000000000 1.0000000000  0.0000000000 25.6595364973  0.0000000000 0.0000000000 1.0000000000  24.9351427817  
3  'crystal symmetry operation' 1_525 x,y-3,z       1.0000000000  0.0000000000 0.0000000000 8.2697640942   0.0000000000 1.0000000000  0.0000000000 19.2446523730  0.0000000000 0.0000000000 1.0000000000  18.7013570863  
4  'crystal symmetry operation' 1_535 x,y-2,z       1.0000000000  0.0000000000 0.0000000000 5.5131760628   0.0000000000 1.0000000000  0.0000000000 12.8297682487  0.0000000000 0.0000000000 1.0000000000  12.4675713908  
5  'crystal symmetry operation' 1_545 x,y-1,z       1.0000000000  0.0000000000 0.0000000000 2.7565880314   0.0000000000 1.0000000000  0.0000000000 6.4148841243   0.0000000000 0.0000000000 1.0000000000  6.2337856954   
6  'crystal symmetry operation' 1_565 x,y+1,z       1.0000000000  0.0000000000 0.0000000000 -2.7565880314  0.0000000000 1.0000000000  0.0000000000 -6.4148841243  0.0000000000 0.0000000000 1.0000000000  -6.2337856954  
7  'crystal symmetry operation' 1_575 x,y+2,z       1.0000000000  0.0000000000 0.0000000000 -5.5131760628  0.0000000000 1.0000000000  0.0000000000 -12.8297682487 0.0000000000 0.0000000000 1.0000000000  -12.4675713908 
8  'crystal symmetry operation' 1_585 x,y+3,z       1.0000000000  0.0000000000 0.0000000000 -8.2697640942  0.0000000000 1.0000000000  0.0000000000 -19.2446523730 0.0000000000 0.0000000000 1.0000000000  -18.7013570863 
9  'crystal symmetry operation' 1_595 x,y+4,z       1.0000000000  0.0000000000 0.0000000000 -11.0263521256 0.0000000000 1.0000000000  0.0000000000 -25.6595364973 0.0000000000 0.0000000000 1.0000000000  -24.9351427817 
10 'crystal symmetry operation' 1_415 x-1,y-4,z     1.0000000000  0.0000000000 0.0000000000 15.2511179791  0.0000000000 1.0000000000  0.0000000000 17.1237633991  0.0000000000 0.0000000000 1.0000000000  31.8506927309  
11 'crystal symmetry operation' 1_425 x-1,y-3,z     1.0000000000  0.0000000000 0.0000000000 12.4945299477  0.0000000000 1.0000000000  0.0000000000 10.7088792748  0.0000000000 0.0000000000 1.0000000000  25.6169070355  
12 'crystal symmetry operation' 1_435 x-1,y-2,z     1.0000000000  0.0000000000 0.0000000000 9.7379419163   0.0000000000 1.0000000000  0.0000000000 4.2939951505   0.0000000000 0.0000000000 1.0000000000  19.3831213401  
13 'crystal symmetry operation' 1_445 x-1,y-1,z     1.0000000000  0.0000000000 0.0000000000 6.9813538848   0.0000000000 1.0000000000  0.0000000000 -2.1208889739  0.0000000000 0.0000000000 1.0000000000  13.1493356446  
14 'crystal symmetry operation' 1_455 x-1,y,z       1.0000000000  0.0000000000 0.0000000000 4.2247658534   0.0000000000 1.0000000000  0.0000000000 -8.5357730982  0.0000000000 0.0000000000 1.0000000000  6.9155499492   
15 'crystal symmetry operation' 1_465 x-1,y+1,z     1.0000000000  0.0000000000 0.0000000000 1.4681778220   0.0000000000 1.0000000000  0.0000000000 -14.9506572225 0.0000000000 0.0000000000 1.0000000000  0.6817642538   
16 'crystal symmetry operation' 1_475 x-1,y+2,z     1.0000000000  0.0000000000 0.0000000000 -1.2884102094  0.0000000000 1.0000000000  0.0000000000 -21.3655413468 0.0000000000 0.0000000000 1.0000000000  -5.5520214416  
17 'crystal symmetry operation' 1_485 x-1,y+3,z     1.0000000000  0.0000000000 0.0000000000 -4.0449982408  0.0000000000 1.0000000000  0.0000000000 -27.7804254712 0.0000000000 0.0000000000 1.0000000000  -11.7858071371 
18 'crystal symmetry operation' 1_495 x-1,y+4,z     1.0000000000  0.0000000000 0.0000000000 -6.8015862722  0.0000000000 1.0000000000  0.0000000000 -34.1953095955 0.0000000000 0.0000000000 1.0000000000  -18.0195928325 
19 'crystal symmetry operation' 2_415 -x-1,y-7/2,-z -0.8265309378 0.4036816239 0.3922852984 8.7468435696   0.4036816239 -0.0605883755 0.9128911191 24.4102237580  0.3922852984 0.9128911191 -0.1128806867 20.2017529956  
20 'crystal symmetry operation' 2_425 -x-1,y-5/2,-z -0.8265309378 0.4036816239 0.3922852984 5.9902555382   0.4036816239 -0.0605883755 0.9128911191 17.9953396337  0.3922852984 0.9128911191 -0.1128806867 13.9679673002  
21 'crystal symmetry operation' 2_435 -x-1,y-3/2,-z -0.8265309378 0.4036816239 0.3922852984 3.2336675068   0.4036816239 -0.0605883755 0.9128911191 11.5804555094  0.3922852984 0.9128911191 -0.1128806867 7.7341816048   
22 'crystal symmetry operation' 2_445 -x-1,y-1/2,-z -0.8265309378 0.4036816239 0.3922852984 0.4770794754   0.4036816239 -0.0605883755 0.9128911191 5.1655713850   0.3922852984 0.9128911191 -0.1128806867 1.5003959093   
23 'crystal symmetry operation' 2_455 -x-1,y+1/2,-z -0.8265309378 0.4036816239 0.3922852984 -2.2795085560  0.4036816239 -0.0605883755 0.9128911191 -1.2493127393  0.3922852984 0.9128911191 -0.1128806867 -4.7333897861  
24 'crystal symmetry operation' 2_465 -x-1,y+3/2,-z -0.8265309378 0.4036816239 0.3922852984 -5.0360965874  0.4036816239 -0.0605883755 0.9128911191 -7.6641968636  0.3922852984 0.9128911191 -0.1128806867 -10.9671754815 
25 'crystal symmetry operation' 2_475 -x-1,y+5/2,-z -0.8265309378 0.4036816239 0.3922852984 -7.7926846188  0.4036816239 -0.0605883755 0.9128911191 -14.0790809880 0.3922852984 0.9128911191 -0.1128806867 -17.2009611769 
26 'crystal symmetry operation' 2_485 -x-1,y+7/2,-z -0.8265309378 0.4036816239 0.3922852984 -10.5492726502 0.4036816239 -0.0605883755 0.9128911191 -20.4939651123 0.3922852984 0.9128911191 -0.1128806867 -23.4347468723 
27 'crystal symmetry operation' 2_495 -x-1,y+9/2,-z -0.8265309378 0.4036816239 0.3922852984 -13.3058606816 0.4036816239 -0.0605883755 0.9128911191 -26.9088492366 0.3922852984 0.9128911191 -0.1128806867 -29.6685325678 
28 'crystal symmetry operation' 2_315 -x-2,y-7/2,-z -0.8265309378 0.4036816239 0.3922852984 12.9716094231  0.4036816239 -0.0605883755 0.9128911191 15.8744506598  0.3922852984 0.9128911191 -0.1128806867 27.1173029448  
29 'crystal symmetry operation' 2_325 -x-2,y-5/2,-z -0.8265309378 0.4036816239 0.3922852984 10.2150213917  0.4036816239 -0.0605883755 0.9128911191 9.4595665355   0.3922852984 0.9128911191 -0.1128806867 20.8835172494  
30 'crystal symmetry operation' 2_335 -x-2,y-3/2,-z -0.8265309378 0.4036816239 0.3922852984 7.4584333602   0.4036816239 -0.0605883755 0.9128911191 3.0446824112   0.3922852984 0.9128911191 -0.1128806867 14.6497315540  
31 'crystal symmetry operation' 2_345 -x-2,y-1/2,-z -0.8265309378 0.4036816239 0.3922852984 4.7018453288   0.4036816239 -0.0605883755 0.9128911191 -3.3702017132  0.3922852984 0.9128911191 -0.1128806867 8.4159458586   
32 'crystal symmetry operation' 2_355 -x-2,y+1/2,-z -0.8265309378 0.4036816239 0.3922852984 1.9452572974   0.4036816239 -0.0605883755 0.9128911191 -9.7850858375  0.3922852984 0.9128911191 -0.1128806867 2.1821601631   
33 'crystal symmetry operation' 2_365 -x-2,y+3/2,-z -0.8265309378 0.4036816239 0.3922852984 -0.8113307340  0.4036816239 -0.0605883755 0.9128911191 -16.1999699618 0.3922852984 0.9128911191 -0.1128806867 -4.0516255323  
34 'crystal symmetry operation' 2_375 -x-2,y+5/2,-z -0.8265309378 0.4036816239 0.3922852984 -3.5679187654  0.4036816239 -0.0605883755 0.9128911191 -22.6148540862 0.3922852984 0.9128911191 -0.1128806867 -10.2854112277 
35 'crystal symmetry operation' 2_385 -x-2,y+7/2,-z -0.8265309378 0.4036816239 0.3922852984 -6.3245067968  0.4036816239 -0.0605883755 0.9128911191 -29.0297382105 0.3922852984 0.9128911191 -0.1128806867 -16.5191969231 
36 'crystal symmetry operation' 2_395 -x-2,y+9/2,-z -0.8265309378 0.4036816239 0.3922852984 -9.0810948282  0.4036816239 -0.0605883755 0.9128911191 -35.4446223348 0.3922852984 0.9128911191 -0.1128806867 -22.7529826186 
# 
_pdbx_phasing_MR.entry_id                     6RHD 
_pdbx_phasing_MR.method_rotation              ? 
_pdbx_phasing_MR.method_translation           ? 
_pdbx_phasing_MR.model_details                'Phaser MODE: MR_AUTO' 
_pdbx_phasing_MR.R_factor                     ? 
_pdbx_phasing_MR.R_rigid_body                 ? 
_pdbx_phasing_MR.correlation_coeff_Fo_to_Fc   ? 
_pdbx_phasing_MR.correlation_coeff_Io_to_Ic   ? 
_pdbx_phasing_MR.d_res_high_rotation          1.200 
_pdbx_phasing_MR.d_res_low_rotation           16.720 
_pdbx_phasing_MR.d_res_high_translation       1.200 
_pdbx_phasing_MR.d_res_low_translation        16.720 
_pdbx_phasing_MR.packing                      ? 
_pdbx_phasing_MR.reflns_percent_rotation      ? 
_pdbx_phasing_MR.reflns_percent_translation   ? 
_pdbx_phasing_MR.sigma_F_rotation             ? 
_pdbx_phasing_MR.sigma_F_translation          ? 
_pdbx_phasing_MR.sigma_I_rotation             ? 
_pdbx_phasing_MR.sigma_I_translation          ? 
# 
_phasing.method   MR 
# 
_pdbx_distant_solvent_atoms.id                                1 
_pdbx_distant_solvent_atoms.PDB_model_num                     1 
_pdbx_distant_solvent_atoms.auth_atom_id                      O 
_pdbx_distant_solvent_atoms.label_alt_id                      ? 
_pdbx_distant_solvent_atoms.auth_asym_id                      B 
_pdbx_distant_solvent_atoms.auth_comp_id                      HOH 
_pdbx_distant_solvent_atoms.auth_seq_id                       107 
_pdbx_distant_solvent_atoms.PDB_ins_code                      ? 
_pdbx_distant_solvent_atoms.neighbor_macromolecule_distance   6.34 
_pdbx_distant_solvent_atoms.neighbor_ligand_distance          . 
# 
loop_
_chem_comp_atom.comp_id 
_chem_comp_atom.atom_id 
_chem_comp_atom.type_symbol 
_chem_comp_atom.pdbx_aromatic_flag 
_chem_comp_atom.pdbx_stereo_config 
_chem_comp_atom.pdbx_ordinal 
GLY N    N N N 1  
GLY CA   C N N 2  
GLY C    C N N 3  
GLY O    O N N 4  
GLY OXT  O N N 5  
GLY H    H N N 6  
GLY H2   H N N 7  
GLY HA2  H N N 8  
GLY HA3  H N N 9  
GLY HXT  H N N 10 
HOH O    O N N 11 
HOH H1   H N N 12 
HOH H2   H N N 13 
SER N    N N N 14 
SER CA   C N S 15 
SER C    C N N 16 
SER O    O N N 17 
SER CB   C N N 18 
SER OG   O N N 19 
SER OXT  O N N 20 
SER H    H N N 21 
SER H2   H N N 22 
SER HA   H N N 23 
SER HB2  H N N 24 
SER HB3  H N N 25 
SER HG   H N N 26 
SER HXT  H N N 27 
THR N    N N N 28 
THR CA   C N S 29 
THR C    C N N 30 
THR O    O N N 31 
THR CB   C N R 32 
THR OG1  O N N 33 
THR CG2  C N N 34 
THR OXT  O N N 35 
THR H    H N N 36 
THR H2   H N N 37 
THR HA   H N N 38 
THR HB   H N N 39 
THR HG1  H N N 40 
THR HG21 H N N 41 
THR HG22 H N N 42 
THR HG23 H N N 43 
THR HXT  H N N 44 
TYR N    N N N 45 
TYR CA   C N S 46 
TYR C    C N N 47 
TYR O    O N N 48 
TYR CB   C N N 49 
TYR CG   C Y N 50 
TYR CD1  C Y N 51 
TYR CD2  C Y N 52 
TYR CE1  C Y N 53 
TYR CE2  C Y N 54 
TYR CZ   C Y N 55 
TYR OH   O N N 56 
TYR OXT  O N N 57 
TYR H    H N N 58 
TYR H2   H N N 59 
TYR HA   H N N 60 
TYR HB2  H N N 61 
TYR HB3  H N N 62 
TYR HD1  H N N 63 
TYR HD2  H N N 64 
TYR HE1  H N N 65 
TYR HE2  H N N 66 
TYR HH   H N N 67 
TYR HXT  H N N 68 
VAL N    N N N 69 
VAL CA   C N S 70 
VAL C    C N N 71 
VAL O    O N N 72 
VAL CB   C N N 73 
VAL CG1  C N N 74 
VAL CG2  C N N 75 
VAL OXT  O N N 76 
VAL H    H N N 77 
VAL H2   H N N 78 
VAL HA   H N N 79 
VAL HB   H N N 80 
VAL HG11 H N N 81 
VAL HG12 H N N 82 
VAL HG13 H N N 83 
VAL HG21 H N N 84 
VAL HG22 H N N 85 
VAL HG23 H N N 86 
VAL HXT  H N N 87 
# 
loop_
_chem_comp_bond.comp_id 
_chem_comp_bond.atom_id_1 
_chem_comp_bond.atom_id_2 
_chem_comp_bond.value_order 
_chem_comp_bond.pdbx_aromatic_flag 
_chem_comp_bond.pdbx_stereo_config 
_chem_comp_bond.pdbx_ordinal 
GLY N   CA   sing N N 1  
GLY N   H    sing N N 2  
GLY N   H2   sing N N 3  
GLY CA  C    sing N N 4  
GLY CA  HA2  sing N N 5  
GLY CA  HA3  sing N N 6  
GLY C   O    doub N N 7  
GLY C   OXT  sing N N 8  
GLY OXT HXT  sing N N 9  
HOH O   H1   sing N N 10 
HOH O   H2   sing N N 11 
SER N   CA   sing N N 12 
SER N   H    sing N N 13 
SER N   H2   sing N N 14 
SER CA  C    sing N N 15 
SER CA  CB   sing N N 16 
SER CA  HA   sing N N 17 
SER C   O    doub N N 18 
SER C   OXT  sing N N 19 
SER CB  OG   sing N N 20 
SER CB  HB2  sing N N 21 
SER CB  HB3  sing N N 22 
SER OG  HG   sing N N 23 
SER OXT HXT  sing N N 24 
THR N   CA   sing N N 25 
THR N   H    sing N N 26 
THR N   H2   sing N N 27 
THR CA  C    sing N N 28 
THR CA  CB   sing N N 29 
THR CA  HA   sing N N 30 
THR C   O    doub N N 31 
THR C   OXT  sing N N 32 
THR CB  OG1  sing N N 33 
THR CB  CG2  sing N N 34 
THR CB  HB   sing N N 35 
THR OG1 HG1  sing N N 36 
THR CG2 HG21 sing N N 37 
THR CG2 HG22 sing N N 38 
THR CG2 HG23 sing N N 39 
THR OXT HXT  sing N N 40 
TYR N   CA   sing N N 41 
TYR N   H    sing N N 42 
TYR N   H2   sing N N 43 
TYR CA  C    sing N N 44 
TYR CA  CB   sing N N 45 
TYR CA  HA   sing N N 46 
TYR C   O    doub N N 47 
TYR C   OXT  sing N N 48 
TYR CB  CG   sing N N 49 
TYR CB  HB2  sing N N 50 
TYR CB  HB3  sing N N 51 
TYR CG  CD1  doub Y N 52 
TYR CG  CD2  sing Y N 53 
TYR CD1 CE1  sing Y N 54 
TYR CD1 HD1  sing N N 55 
TYR CD2 CE2  doub Y N 56 
TYR CD2 HD2  sing N N 57 
TYR CE1 CZ   doub Y N 58 
TYR CE1 HE1  sing N N 59 
TYR CE2 CZ   sing Y N 60 
TYR CE2 HE2  sing N N 61 
TYR CZ  OH   sing N N 62 
TYR OH  HH   sing N N 63 
TYR OXT HXT  sing N N 64 
VAL N   CA   sing N N 65 
VAL N   H    sing N N 66 
VAL N   H2   sing N N 67 
VAL CA  C    sing N N 68 
VAL CA  CB   sing N N 69 
VAL CA  HA   sing N N 70 
VAL C   O    doub N N 71 
VAL C   OXT  sing N N 72 
VAL CB  CG1  sing N N 73 
VAL CB  CG2  sing N N 74 
VAL CB  HB   sing N N 75 
VAL CG1 HG11 sing N N 76 
VAL CG1 HG12 sing N N 77 
VAL CG1 HG13 sing N N 78 
VAL CG2 HG21 sing N N 79 
VAL CG2 HG22 sing N N 80 
VAL CG2 HG23 sing N N 81 
VAL OXT HXT  sing N N 82 
# 
_atom_sites.entry_id                    6RHD 
_atom_sites.fract_transf_matrix[1][1]   -0.03718963 
_atom_sites.fract_transf_matrix[1][2]   0.06111677 
_atom_sites.fract_transf_matrix[1][3]   -0.04644698 
_atom_sites.fract_transf_matrix[2][1]   -0.03146457 
_atom_sites.fract_transf_matrix[2][2]   -0.07322152 
_atom_sites.fract_transf_matrix[2][3]   -0.07115440 
_atom_sites.fract_transf_matrix[3][1]   -0.05295821 
_atom_sites.fract_transf_matrix[3][2]   -0.00394745 
_atom_sites.fract_transf_matrix[3][3]   0.02748032 
_atom_sites.fract_transf_vector[1]      -0.614137 
_atom_sites.fract_transf_vector[2]      0.179791 
_atom_sites.fract_transf_vector[3]      0.002212 
# 
loop_
_atom_type.symbol 
C 
N 
O 
# 
loop_
_atom_site.group_PDB 
_atom_site.id 
_atom_site.type_symbol 
_atom_site.label_atom_id 
_atom_site.label_alt_id 
_atom_site.label_comp_id 
_atom_site.label_asym_id 
_atom_site.label_entity_id 
_atom_site.label_seq_id 
_atom_site.pdbx_PDB_ins_code 
_atom_site.Cartn_x 
_atom_site.Cartn_y 
_atom_site.Cartn_z 
_atom_site.occupancy 
_atom_site.B_iso_or_equiv 
_atom_site.pdbx_formal_charge 
_atom_site.auth_seq_id 
_atom_site.auth_comp_id 
_atom_site.auth_asym_id 
_atom_site.auth_atom_id 
_atom_site.pdbx_PDB_model_num 
ATOM   1  N N   . THR A 1 1 ? -5.612 -3.276 5.285  1.00 9.40  ? 1   THR B N   1 
ATOM   2  C CA  . THR A 1 1 ? -5.096 -1.889 5.072  1.00 7.95  ? 1   THR B CA  1 
ATOM   3  C C   . THR A 1 1 ? -4.604 -1.785 3.629  1.00 8.21  ? 1   THR B C   1 
ATOM   4  O O   . THR A 1 1 ? -4.111 -2.765 3.082  1.00 8.50  ? 1   THR B O   1 
ATOM   5  C CB  . THR A 1 1 ? -3.966 -1.659 6.069  1.00 9.36  ? 1   THR B CB  1 
ATOM   6  O OG1 . THR A 1 1 ? -4.482 -1.892 7.391  1.00 11.03 ? 1   THR B OG1 1 
ATOM   7  C CG2 . THR A 1 1 ? -3.415 -0.265 5.976  1.00 10.18 ? 1   THR B CG2 1 
ATOM   8  N N   . SER A 1 2 ? -4.737 -0.590 3.054  1.00 7.01  ? 2   SER B N   1 
ATOM   9  C CA  . SER A 1 2 ? -4.266 -0.363 1.697  1.00 6.75  ? 2   SER B CA  1 
ATOM   10 C C   . SER A 1 2 ? -2.762 -0.077 1.688  1.00 6.07  ? 2   SER B C   1 
ATOM   11 O O   . SER A 1 2 ? -2.257 0.581  2.615  1.00 5.59  ? 2   SER B O   1 
ATOM   12 C CB  . SER A 1 2 ? -5.044 0.780  1.044  1.00 7.66  ? 2   SER B CB  1 
ATOM   13 O OG  . SER A 1 2 ? -4.917 1.973  1.799  1.00 7.95  ? 2   SER B OG  1 
ATOM   14 N N   . TYR A 1 3 ? -2.078 -0.547 0.663  1.00 6.00  ? 3   TYR B N   1 
ATOM   15 C CA  . TYR A 1 3 ? -0.650 -0.355 0.463  1.00 6.08  ? 3   TYR B CA  1 
ATOM   16 C C   . TYR A 1 3 ? -0.390 0.033  -0.988 1.00 5.45  ? 3   TYR B C   1 
ATOM   17 O O   . TYR A 1 3 ? -0.710 -0.740 -1.909 1.00 6.22  ? 3   TYR B O   1 
ATOM   18 C CB  . TYR A 1 3 ? 0.150  -1.659 0.736  1.00 6.01  ? 3   TYR B CB  1 
ATOM   19 C CG  . TYR A 1 3 ? 0.279  -2.005 2.205  1.00 6.70  ? 3   TYR B CG  1 
ATOM   20 C CD1 . TYR A 1 3 ? -0.774 -2.610 2.888  1.00 7.37  ? 3   TYR B CD1 1 
ATOM   21 C CD2 . TYR A 1 3 ? 1.445  -1.763 2.893  1.00 6.05  ? 3   TYR B CD2 1 
ATOM   22 C CE1 . TYR A 1 3 ? -0.655 -2.902 4.232  1.00 6.84  ? 3   TYR B CE1 1 
ATOM   23 C CE2 . TYR A 1 3 ? 1.576  -2.067 4.221  1.00 7.59  ? 3   TYR B CE2 1 
ATOM   24 C CZ  . TYR A 1 3 ? 0.529  -2.633 4.899  1.00 6.56  ? 3   TYR B CZ  1 
ATOM   25 O OH  . TYR A 1 3 ? 0.712  -2.889 6.258  1.00 7.54  ? 3   TYR B OH  1 
ATOM   26 N N   . VAL A 1 4 ? 0.200  1.228  -1.164 1.00 5.81  ? 4   VAL B N   1 
ATOM   27 C CA  . VAL A 1 4 ? 0.534  1.713  -2.500 1.00 6.59  ? 4   VAL B CA  1 
ATOM   28 C C   . VAL A 1 4 ? 2.035  1.988  -2.575 1.00 6.64  ? 4   VAL B C   1 
ATOM   29 O O   . VAL A 1 4 ? 2.592  2.702  -1.723 1.00 6.21  ? 4   VAL B O   1 
ATOM   30 C CB  . VAL A 1 4 ? -0.261 3.000  -2.836 1.00 6.66  ? 4   VAL B CB  1 
ATOM   31 C CG1 . VAL A 1 4 ? 0.115  3.515  -4.231 1.00 7.12  ? 4   VAL B CG1 1 
ATOM   32 C CG2 . VAL A 1 4 ? -1.766 2.750  -2.728 1.00 7.14  ? 4   VAL B CG2 1 
ATOM   33 N N   . GLY A 1 5 ? 2.704  1.418  -3.557 1.00 5.73  ? 5   GLY B N   1 
ATOM   34 C CA  . GLY A 1 5 ? 4.131  1.619  -3.752 1.00 5.96  ? 5   GLY B CA  1 
ATOM   35 C C   . GLY A 1 5 ? 5.031  1.045  -2.658 1.00 7.39  ? 5   GLY B C   1 
ATOM   36 O O   . GLY A 1 5 ? 6.165  1.514  -2.490 1.00 7.94  ? 5   GLY B O   1 
ATOM   37 N N   . VAL A 1 6 ? 4.574  -0.046 -2.023 1.00 6.62  ? 6   VAL B N   1 
ATOM   38 C CA  . VAL A 1 6 ? 5.346  -0.725 -0.981 1.00 6.68  ? 6   VAL B CA  1 
ATOM   39 C C   . VAL A 1 6 ? 5.794  -2.097 -1.489 1.00 7.32  ? 6   VAL B C   1 
ATOM   40 O O   . VAL A 1 6 ? 7.036  -2.357 -1.509 1.00 8.78  ? 6   VAL B O   1 
ATOM   41 C CB  . VAL A 1 6 ? 4.552  -0.853 0.344  1.00 7.38  ? 6   VAL B CB  1 
ATOM   42 C CG1 . VAL A 1 6 ? 5.386  -1.605 1.389  1.00 8.01  ? 6   VAL B CG1 1 
ATOM   43 C CG2 . VAL A 1 6 ? 4.222  0.525  0.898  1.00 7.72  ? 6   VAL B CG2 1 
ATOM   44 O OXT . VAL A 1 6 ? 4.954  -2.922 -1.879 1.00 9.27  ? 6   VAL B OXT 1 
HETATM 45 O O   . HOH B 2 . ? -2.784 3.549  1.029  1.00 6.92  ? 101 HOH B O   1 
HETATM 46 O O   . HOH B 2 . ? -7.831 -3.737 3.463  1.00 20.62 ? 102 HOH B O   1 
HETATM 47 O O   . HOH B 2 . ? -6.048 -5.284 3.109  1.00 25.12 ? 103 HOH B O   1 
HETATM 48 O O   . HOH B 2 . ? -6.522 1.192  4.736  1.00 11.03 ? 104 HOH B O   1 
HETATM 49 O O   . HOH B 2 . ? -9.144 -6.607 4.593  1.00 34.66 ? 105 HOH B O   1 
HETATM 50 O O   . HOH B 2 . ? -8.815 -6.376 2.087  1.00 30.28 ? 106 HOH B O   1 
HETATM 51 O O   . HOH B 2 . ? -8.793 -8.364 3.228  1.00 40.05 ? 107 HOH B O   1 
# 
loop_
_atom_site_anisotrop.id 
_atom_site_anisotrop.type_symbol 
_atom_site_anisotrop.pdbx_label_atom_id 
_atom_site_anisotrop.pdbx_label_alt_id 
_atom_site_anisotrop.pdbx_label_comp_id 
_atom_site_anisotrop.pdbx_label_asym_id 
_atom_site_anisotrop.pdbx_label_seq_id 
_atom_site_anisotrop.pdbx_PDB_ins_code 
_atom_site_anisotrop.U[1][1] 
_atom_site_anisotrop.U[2][2] 
_atom_site_anisotrop.U[3][3] 
_atom_site_anisotrop.U[1][2] 
_atom_site_anisotrop.U[1][3] 
_atom_site_anisotrop.U[2][3] 
_atom_site_anisotrop.pdbx_auth_seq_id 
_atom_site_anisotrop.pdbx_auth_comp_id 
_atom_site_anisotrop.pdbx_auth_asym_id 
_atom_site_anisotrop.pdbx_auth_atom_id 
1  N N   . THR A 1 ? 0.1578 0.0873 0.1120 -0.0155 -0.0028 0.0219  1   THR B N   
2  C CA  . THR A 1 ? 0.1446 0.0692 0.0882 0.0074  -0.0141 0.0124  1   THR B CA  
3  C C   . THR A 1 ? 0.1259 0.0811 0.1049 -0.0036 0.0005  0.0203  1   THR B C   
4  O O   . THR A 1 ? 0.1435 0.0931 0.0862 0.0111  -0.0022 0.0236  1   THR B O   
5  C CB  . THR A 1 ? 0.1568 0.1032 0.0954 -0.0046 -0.0202 0.0151  1   THR B CB  
6  O OG1 . THR A 1 ? 0.1804 0.1205 0.1180 0.0015  0.0022  0.0526  1   THR B OG1 
7  C CG2 . THR A 1 ? 0.1574 0.1236 0.1056 -0.0272 -0.0192 0.0193  1   THR B CG2 
8  N N   . SER A 2 ? 0.0968 0.0726 0.0967 -0.0008 0.0032  0.0099  2   SER B N   
9  C CA  . SER A 2 ? 0.0893 0.0725 0.0947 0.0004  -0.0071 0.0143  2   SER B CA  
10 C C   . SER A 2 ? 0.0837 0.0677 0.0789 0.0128  -0.0156 0.0194  2   SER B C   
11 O O   . SER A 2 ? 0.0911 0.0540 0.0673 0.0133  -0.0071 0.0106  2   SER B O   
12 C CB  . SER A 2 ? 0.0866 0.0916 0.1126 0.0038  0.0003  0.0333  2   SER B CB  
13 O OG  . SER A 2 ? 0.0975 0.0855 0.1188 0.0196  -0.0106 0.0332  2   SER B OG  
14 N N   . TYR A 3 ? 0.0989 0.0482 0.0810 0.0054  -0.0133 0.0113  3   TYR B N   
15 C CA  . TYR A 3 ? 0.0864 0.0801 0.0644 0.0265  -0.0261 0.0052  3   TYR B CA  
16 C C   . TYR A 3 ? 0.0711 0.0614 0.0744 0.0217  -0.0184 0.0153  3   TYR B C   
17 O O   . TYR A 3 ? 0.0849 0.0861 0.0650 0.0048  -0.0172 0.0123  3   TYR B O   
18 C CB  . TYR A 3 ? 0.0810 0.0674 0.0801 0.0157  -0.0171 0.0069  3   TYR B CB  
19 C CG  . TYR A 3 ? 0.0988 0.0686 0.0872 0.0237  -0.0278 0.0176  3   TYR B CG  
20 C CD1 . TYR A 3 ? 0.0929 0.0831 0.1038 0.0251  -0.0285 0.0216  3   TYR B CD1 
21 C CD2 . TYR A 3 ? 0.0987 0.0512 0.0798 0.0146  -0.0185 0.0025  3   TYR B CD2 
22 C CE1 . TYR A 3 ? 0.0942 0.0616 0.1039 0.0177  -0.0183 0.0232  3   TYR B CE1 
23 C CE2 . TYR A 3 ? 0.0938 0.1086 0.0856 0.0233  -0.0290 0.0103  3   TYR B CE2 
24 C CZ  . TYR A 3 ? 0.1095 0.0695 0.0701 0.0238  -0.0277 0.0164  3   TYR B CZ  
25 O OH  . TYR A 3 ? 0.1410 0.0776 0.0679 0.0378  -0.0294 0.0115  3   TYR B OH  
26 N N   . VAL A 4 ? 0.0946 0.0491 0.0770 0.0217  -0.0208 0.0059  4   VAL B N   
27 C CA  . VAL A 4 ? 0.0908 0.0749 0.0847 0.0128  -0.0162 0.0120  4   VAL B CA  
28 C C   . VAL A 4 ? 0.0919 0.0715 0.0890 0.0128  -0.0079 0.0219  4   VAL B C   
29 O O   . VAL A 4 ? 0.0910 0.0664 0.0783 0.0076  -0.0057 0.0220  4   VAL B O   
30 C CB  . VAL A 4 ? 0.1045 0.0604 0.0881 0.0092  -0.0005 0.0098  4   VAL B CB  
31 C CG1 . VAL A 4 ? 0.0979 0.0825 0.0900 0.0028  -0.0063 0.0183  4   VAL B CG1 
32 C CG2 . VAL A 4 ? 0.1071 0.0782 0.0860 0.0039  -0.0003 0.0124  4   VAL B CG2 
33 N N   . GLY A 5 ? 0.1048 0.0425 0.0703 -0.0021 -0.0206 0.0151  5   GLY B N   
34 C CA  . GLY A 5 ? 0.1014 0.0684 0.0566 0.0078  -0.0162 0.0094  5   GLY B CA  
35 C C   . GLY A 5 ? 0.1050 0.0958 0.0797 0.0018  -0.0282 0.0238  5   GLY B C   
36 O O   . GLY A 5 ? 0.1055 0.0975 0.0986 -0.0001 -0.0262 0.0483  5   GLY B O   
37 N N   . VAL A 6 ? 0.0991 0.0863 0.0659 -0.0010 -0.0252 0.0093  6   VAL B N   
38 C CA  . VAL A 6 ? 0.1078 0.0574 0.0887 0.0052  -0.0228 0.0181  6   VAL B CA  
39 C C   . VAL A 6 ? 0.1129 0.0743 0.0908 0.0268  -0.0189 0.0145  6   VAL B C   
40 O O   . VAL A 6 ? 0.1098 0.0917 0.1320 0.0312  -0.0055 0.0292  6   VAL B O   
41 C CB  . VAL A 6 ? 0.1114 0.0732 0.0956 0.0013  -0.0118 0.0186  6   VAL B CB  
42 C CG1 . VAL A 6 ? 0.1235 0.0792 0.1013 0.0178  -0.0089 0.0192  6   VAL B CG1 
43 C CG2 . VAL A 6 ? 0.1157 0.0841 0.0936 0.0000  -0.0032 0.0114  6   VAL B CG2 
44 O OXT . VAL A 6 ? 0.1059 0.1281 0.1180 0.0056  -0.0215 0.0216  6   VAL B OXT 
45 O O   . HOH B . ? 0.1226 0.0654 0.0747 0.0055  -0.0359 0.0220  101 HOH B O   
46 O O   . HOH B . ? 0.3311 0.3034 0.1487 0.0770  -0.0670 0.0706  102 HOH B O   
47 O O   . HOH B . ? 0.4809 0.1550 0.3185 -0.0195 -0.1326 -0.0879 103 HOH B O   
48 O O   . HOH B . ? 0.1541 0.0984 0.1665 -0.0045 -0.0024 0.0012  104 HOH B O   
49 O O   . HOH B . ? 0.2317 0.7977 0.2873 0.0839  -0.0052 -0.1743 105 HOH B O   
50 O O   . HOH B . ? 0.3573 0.3839 0.4095 0.1420  0.0508  0.1539  106 HOH B O   
51 O O   . HOH B . ? 0.4645 0.6179 0.4391 -0.0796 -0.1770 0.2466  107 HOH B O   
# 
